data_7Q3U
#
_entry.id   7Q3U
#
_cell.length_a   1.00
_cell.length_b   1.00
_cell.length_c   1.00
_cell.angle_alpha   90.00
_cell.angle_beta   90.00
_cell.angle_gamma   90.00
#
_symmetry.space_group_name_H-M   'P 1'
#
_entity_poly.entity_id   1
_entity_poly.type   'polypeptide(L)'
_entity_poly.pdbx_seq_one_letter_code
;NPGGFGNQGGFGNSRGGGAGLGNNQGSNMGGGMNFGAFSINPAMMAAAQAALQSSWGMMGMLASQQNQSGPSGNNQNQGN
MQ
;
_entity_poly.pdbx_strand_id   A,B,C,D,E
#
# COMPACT_ATOMS: atom_id res chain seq x y z
N GLY A 3 -4.85 -22.13 -1.78
CA GLY A 3 -4.33 -22.94 -2.86
C GLY A 3 -3.42 -22.16 -3.80
N GLY A 4 -3.24 -22.68 -5.00
CA GLY A 4 -2.43 -22.02 -6.00
C GLY A 4 -2.94 -20.63 -6.33
N PHE A 5 -2.02 -19.66 -6.45
CA PHE A 5 -2.38 -18.26 -6.66
C PHE A 5 -3.31 -17.76 -5.56
N GLY A 6 -3.01 -18.16 -4.33
CA GLY A 6 -3.87 -17.88 -3.20
C GLY A 6 -3.54 -16.55 -2.52
N ASN A 7 -4.58 -15.78 -2.22
CA ASN A 7 -4.44 -14.52 -1.50
C ASN A 7 -5.50 -14.48 -0.41
N GLN A 8 -5.07 -14.46 0.84
CA GLN A 8 -5.96 -14.50 2.01
C GLN A 8 -5.58 -13.37 2.95
N GLY A 9 -6.17 -12.19 2.74
CA GLY A 9 -5.91 -11.06 3.60
C GLY A 9 -6.86 -10.98 4.78
N GLY A 10 -6.32 -11.15 5.98
CA GLY A 10 -7.13 -11.14 7.19
C GLY A 10 -7.79 -9.80 7.48
N PHE A 11 -6.99 -8.73 7.47
CA PHE A 11 -7.46 -7.42 7.90
C PHE A 11 -8.17 -7.53 9.25
N GLY A 12 -7.53 -8.18 10.20
CA GLY A 12 -8.19 -8.48 11.47
C GLY A 12 -8.68 -7.24 12.19
N ASN A 13 -7.85 -6.20 12.22
CA ASN A 13 -8.21 -4.89 12.78
C ASN A 13 -8.64 -5.09 14.23
N SER A 14 -9.79 -4.58 14.65
CA SER A 14 -10.21 -4.63 16.06
C SER A 14 -11.08 -5.85 16.30
N ARG A 15 -10.43 -7.00 16.53
CA ARG A 15 -11.16 -8.19 16.92
C ARG A 15 -11.88 -7.98 18.24
N GLY A 16 -11.22 -7.34 19.21
CA GLY A 16 -11.85 -7.04 20.48
C GLY A 16 -12.71 -5.80 20.42
N GLY A 17 -12.11 -4.65 20.09
CA GLY A 17 -12.86 -3.42 20.01
C GLY A 17 -11.95 -2.27 19.62
N GLY A 18 -12.58 -1.14 19.33
CA GLY A 18 -11.87 0.06 18.98
C GLY A 18 -12.56 1.32 19.46
N ALA A 19 -11.86 2.15 20.24
CA ALA A 19 -12.42 3.37 20.80
C ALA A 19 -11.48 4.54 20.53
N GLY A 20 -11.78 5.68 21.14
CA GLY A 20 -10.97 6.87 21.00
C GLY A 20 -11.64 7.93 20.15
N LEU A 21 -11.28 9.20 20.43
CA LEU A 21 -11.90 10.31 19.72
C LEU A 21 -11.60 10.25 18.23
N GLY A 22 -10.36 9.97 17.87
CA GLY A 22 -9.99 9.72 16.49
C GLY A 22 -9.36 8.36 16.32
N ASN A 23 -10.05 7.45 15.66
CA ASN A 23 -9.62 6.06 15.56
C ASN A 23 -9.97 5.56 14.16
N ASN A 24 -9.15 4.63 13.65
CA ASN A 24 -9.36 4.05 12.33
C ASN A 24 -8.45 2.84 12.09
N GLN A 25 -9.00 1.78 11.51
CA GLN A 25 -8.24 0.55 11.23
C GLN A 25 -8.25 0.26 9.75
N GLY A 26 -7.31 -0.58 9.32
CA GLY A 26 -7.13 -0.89 7.92
C GLY A 26 -6.29 0.17 7.23
N SER A 27 -6.14 0.01 5.92
CA SER A 27 -5.52 1.05 5.12
C SER A 27 -6.39 2.31 5.18
N ASN A 28 -5.76 3.44 5.46
CA ASN A 28 -6.48 4.69 5.68
C ASN A 28 -5.84 5.79 4.84
N MET A 29 -6.67 6.54 4.12
CA MET A 29 -6.20 7.64 3.29
C MET A 29 -6.94 8.89 3.76
N GLY A 30 -7.18 8.96 5.07
CA GLY A 30 -7.90 10.06 5.66
C GLY A 30 -9.29 9.64 6.11
N GLY A 31 -9.92 10.52 6.89
CA GLY A 31 -11.25 10.27 7.42
C GLY A 31 -11.29 10.57 8.91
N GLY A 32 -12.34 10.09 9.55
CA GLY A 32 -12.51 10.30 10.98
C GLY A 32 -13.19 11.64 11.28
N MET A 33 -12.40 12.60 11.75
CA MET A 33 -12.90 13.92 12.09
C MET A 33 -11.99 14.96 11.48
N ASN A 34 -12.57 15.98 10.85
CA ASN A 34 -11.81 17.04 10.18
C ASN A 34 -12.48 18.38 10.47
N PHE A 35 -11.74 19.26 11.14
CA PHE A 35 -12.21 20.61 11.44
C PHE A 35 -11.57 21.67 10.55
N GLY A 36 -10.99 21.28 9.43
CA GLY A 36 -10.31 22.21 8.57
C GLY A 36 -10.17 21.66 7.16
N ALA A 37 -9.24 22.26 6.42
CA ALA A 37 -9.02 21.90 5.03
C ALA A 37 -8.49 20.46 4.92
N PHE A 38 -8.92 19.78 3.86
CA PHE A 38 -8.52 18.40 3.58
C PHE A 38 -8.23 18.31 2.08
N SER A 39 -6.98 18.54 1.70
CA SER A 39 -6.58 18.57 0.29
C SER A 39 -5.60 17.43 0.05
N ILE A 40 -6.14 16.27 -0.31
CA ILE A 40 -5.35 15.04 -0.44
C ILE A 40 -5.62 14.47 -1.83
N ASN A 41 -4.62 14.53 -2.70
CA ASN A 41 -4.74 14.07 -4.08
C ASN A 41 -3.64 13.08 -4.43
N PRO A 42 -3.86 11.78 -4.24
CA PRO A 42 -2.86 10.80 -4.68
C PRO A 42 -3.08 10.35 -6.12
N ALA A 43 -2.01 10.19 -6.88
CA ALA A 43 -2.12 9.81 -8.27
C ALA A 43 -1.19 8.64 -8.57
N MET A 44 -1.63 7.81 -9.51
CA MET A 44 -0.82 6.69 -10.01
C MET A 44 -1.14 6.56 -11.49
N MET A 45 -0.35 7.23 -12.33
CA MET A 45 -0.67 7.40 -13.74
C MET A 45 0.28 6.57 -14.60
N ALA A 46 -0.20 6.21 -15.79
CA ALA A 46 0.54 5.36 -16.71
C ALA A 46 0.74 6.10 -18.03
N ALA A 47 1.95 6.04 -18.57
CA ALA A 47 2.28 6.67 -19.84
C ALA A 47 3.22 5.77 -20.65
N ALA A 48 3.04 5.80 -21.96
CA ALA A 48 3.88 5.05 -22.92
C ALA A 48 3.78 3.56 -22.55
N GLN A 49 4.88 2.81 -22.57
CA GLN A 49 4.85 1.40 -22.21
C GLN A 49 4.79 1.29 -20.69
N ALA A 50 3.64 1.63 -20.13
CA ALA A 50 3.48 1.64 -18.68
C ALA A 50 2.75 0.39 -18.18
N ALA A 51 3.03 0.06 -16.92
CA ALA A 51 2.36 -1.01 -16.17
C ALA A 51 2.54 -2.39 -16.81
N LEU A 52 3.48 -2.55 -17.74
CA LEU A 52 3.76 -3.86 -18.31
C LEU A 52 4.20 -4.87 -17.25
N GLN A 53 3.51 -6.00 -17.17
CA GLN A 53 4.02 -7.16 -16.45
C GLN A 53 4.18 -6.83 -14.96
N SER A 54 3.27 -5.98 -14.48
CA SER A 54 3.38 -5.38 -13.16
C SER A 54 2.13 -5.70 -12.34
N SER A 55 2.07 -5.13 -11.13
CA SER A 55 0.89 -5.21 -10.27
C SER A 55 0.93 -4.02 -9.30
N TRP A 56 0.25 -2.94 -9.66
CA TRP A 56 0.30 -1.73 -8.83
C TRP A 56 -0.64 -1.83 -7.64
N GLY A 57 -0.06 -1.70 -6.44
CA GLY A 57 -0.81 -1.49 -5.22
C GLY A 57 -0.28 -0.34 -4.39
N MET A 58 -1.04 0.73 -4.17
CA MET A 58 -0.47 1.73 -3.26
C MET A 58 -0.75 1.38 -1.80
N MET A 59 -1.99 1.07 -1.45
CA MET A 59 -2.35 0.53 -0.14
C MET A 59 -2.63 -0.96 -0.26
N GLY A 60 -2.56 -1.65 0.88
CA GLY A 60 -2.27 -3.07 0.91
C GLY A 60 -3.17 -3.98 0.09
N MET A 61 -2.66 -4.42 -1.04
CA MET A 61 -3.43 -5.13 -2.04
C MET A 61 -3.36 -6.65 -1.82
N LEU A 62 -3.95 -7.38 -2.75
CA LEU A 62 -3.94 -8.84 -2.79
C LEU A 62 -4.27 -9.25 -4.21
N ALA A 63 -3.38 -9.99 -4.86
CA ALA A 63 -3.61 -10.38 -6.25
C ALA A 63 -2.78 -11.60 -6.59
N SER A 64 -3.16 -12.24 -7.70
CA SER A 64 -2.41 -13.35 -8.27
C SER A 64 -2.59 -13.31 -9.78
N GLN A 65 -1.50 -13.58 -10.50
CA GLN A 65 -1.39 -13.15 -11.89
C GLN A 65 -0.55 -14.16 -12.67
N GLN A 66 -0.85 -14.28 -13.97
CA GLN A 66 -0.16 -15.24 -14.84
C GLN A 66 -0.37 -14.86 -16.30
N ASN A 67 0.69 -14.48 -16.99
CA ASN A 67 0.58 -13.98 -18.37
C ASN A 67 1.76 -14.37 -19.23
N GLN A 68 1.48 -14.65 -20.51
CA GLN A 68 2.51 -14.88 -21.54
C GLN A 68 1.97 -14.30 -22.84
N SER A 69 2.38 -13.08 -23.18
CA SER A 69 1.74 -12.37 -24.28
C SER A 69 2.61 -11.22 -24.77
N GLY A 70 2.94 -11.27 -26.06
CA GLY A 70 3.80 -10.28 -26.69
C GLY A 70 3.05 -9.18 -27.43
N PRO A 71 3.07 -7.97 -26.87
CA PRO A 71 2.38 -6.85 -27.52
C PRO A 71 3.25 -6.14 -28.54
N SER A 72 2.63 -5.20 -29.25
CA SER A 72 3.32 -4.39 -30.25
C SER A 72 2.63 -3.05 -30.39
N GLY A 73 3.34 -2.09 -30.99
CA GLY A 73 2.79 -0.76 -31.20
C GLY A 73 3.35 -0.09 -32.44
N GLY B 3 -0.52 -21.77 0.17
CA GLY B 3 0.01 -22.59 -0.92
C GLY B 3 0.92 -21.82 -1.84
N GLY B 4 1.10 -22.34 -3.05
CA GLY B 4 1.91 -21.68 -4.06
C GLY B 4 1.40 -20.29 -4.39
N PHE B 5 2.32 -19.33 -4.51
CA PHE B 5 1.96 -17.93 -4.73
C PHE B 5 1.03 -17.42 -3.62
N GLY B 6 1.33 -17.81 -2.39
CA GLY B 6 0.47 -17.53 -1.26
C GLY B 6 0.80 -16.20 -0.60
N ASN B 7 -0.23 -15.43 -0.29
CA ASN B 7 -0.10 -14.17 0.43
C ASN B 7 -1.16 -14.12 1.52
N GLN B 8 -0.72 -14.10 2.78
CA GLN B 8 -1.62 -14.14 3.93
C GLN B 8 -1.24 -13.00 4.88
N GLY B 9 -1.82 -11.84 4.67
CA GLY B 9 -1.56 -10.70 5.53
C GLY B 9 -2.50 -10.61 6.70
N GLY B 10 -1.96 -10.78 7.91
CA GLY B 10 -2.78 -10.76 9.11
C GLY B 10 -3.43 -9.43 9.40
N PHE B 11 -2.65 -8.35 9.38
CA PHE B 11 -3.11 -7.04 9.82
C PHE B 11 -3.82 -7.15 11.17
N GLY B 12 -3.17 -7.81 12.13
CA GLY B 12 -3.84 -8.10 13.39
C GLY B 12 -4.33 -6.86 14.10
N ASN B 13 -3.49 -5.82 14.13
CA ASN B 13 -3.85 -4.51 14.68
C ASN B 13 -4.29 -4.70 16.14
N SER B 14 -5.45 -4.19 16.56
CA SER B 14 -5.85 -4.23 17.97
C SER B 14 -6.73 -5.46 18.21
N ARG B 15 -6.07 -6.60 18.44
CA ARG B 15 -6.81 -7.80 18.84
C ARG B 15 -7.53 -7.59 20.16
N GLY B 16 -6.87 -6.94 21.12
CA GLY B 16 -7.50 -6.63 22.39
C GLY B 16 -8.37 -5.39 22.33
N GLY B 17 -7.76 -4.25 22.00
CA GLY B 17 -8.50 -3.01 21.92
C GLY B 17 -7.60 -1.87 21.52
N GLY B 18 -8.24 -0.74 21.23
CA GLY B 18 -7.51 0.47 20.88
C GLY B 18 -8.21 1.73 21.35
N ALA B 19 -7.51 2.54 22.13
CA ALA B 19 -8.05 3.77 22.69
C ALA B 19 -7.11 4.94 22.42
N GLY B 20 -7.41 6.09 23.04
CA GLY B 20 -6.61 7.28 22.89
C GLY B 20 -7.29 8.34 22.04
N LEU B 21 -6.92 9.59 22.31
CA LEU B 21 -7.54 10.72 21.59
C LEU B 21 -7.25 10.64 20.10
N GLY B 22 -5.99 10.37 19.75
CA GLY B 22 -5.63 10.12 18.36
C GLY B 22 -5.00 8.75 18.21
N ASN B 23 -5.69 7.84 17.53
CA ASN B 23 -5.26 6.45 17.44
C ASN B 23 -5.60 5.95 16.05
N ASN B 24 -4.78 5.02 15.54
CA ASN B 24 -5.00 4.43 14.23
C ASN B 24 -4.09 3.23 13.99
N GLN B 25 -4.63 2.16 13.40
CA GLN B 25 -3.89 0.94 13.13
C GLN B 25 -3.90 0.64 11.64
N GLY B 26 -2.95 -0.21 11.22
CA GLY B 26 -2.78 -0.51 9.82
C GLY B 26 -1.94 0.54 9.12
N SER B 27 -1.79 0.37 7.82
CA SER B 27 -1.17 1.43 7.01
C SER B 27 -2.03 2.68 7.07
N ASN B 28 -1.40 3.81 7.35
CA ASN B 28 -2.12 5.06 7.57
C ASN B 28 -1.48 6.15 6.72
N MET B 29 -2.31 6.90 6.01
CA MET B 29 -1.84 8.00 5.17
C MET B 29 -2.58 9.25 5.65
N GLY B 30 -2.81 9.33 6.95
CA GLY B 30 -3.54 10.43 7.54
C GLY B 30 -4.94 10.01 8.00
N GLY B 31 -5.55 10.89 8.77
CA GLY B 31 -6.87 10.65 9.29
C GLY B 31 -6.93 10.95 10.78
N GLY B 32 -7.98 10.47 11.43
CA GLY B 32 -8.15 10.68 12.86
C GLY B 32 -8.82 12.02 13.16
N MET B 33 -8.03 12.99 13.63
CA MET B 33 -8.54 14.31 13.96
C MET B 33 -7.61 15.34 13.34
N ASN B 34 -8.20 16.36 12.71
CA ASN B 34 -7.45 17.42 12.05
C ASN B 34 -8.11 18.76 12.33
N PHE B 35 -7.37 19.65 13.00
CA PHE B 35 -7.84 21.00 13.29
C PHE B 35 -7.19 22.05 12.41
N GLY B 36 -6.62 21.65 11.28
CA GLY B 36 -5.94 22.58 10.42
C GLY B 36 -5.80 22.03 9.01
N ALA B 37 -4.87 22.63 8.27
CA ALA B 37 -4.65 22.25 6.88
C ALA B 37 -4.11 20.83 6.77
N PHE B 38 -4.55 20.15 5.71
CA PHE B 38 -4.15 18.76 5.44
C PHE B 38 -3.87 18.67 3.94
N SER B 39 -2.62 18.90 3.56
CA SER B 39 -2.21 18.93 2.15
C SER B 39 -1.23 17.79 1.92
N ILE B 40 -1.77 16.62 1.55
CA ILE B 40 -0.99 15.39 1.42
C ILE B 40 -1.26 14.81 0.04
N ASN B 41 -0.25 14.88 -0.83
CA ASN B 41 -0.38 14.42 -2.21
C ASN B 41 0.72 13.43 -2.56
N PRO B 42 0.50 12.12 -2.37
CA PRO B 42 1.50 11.14 -2.81
C PRO B 42 1.28 10.69 -4.24
N ALA B 43 2.36 10.53 -5.00
CA ALA B 43 2.23 10.15 -6.39
C ALA B 43 3.17 8.97 -6.68
N MET B 44 2.73 8.14 -7.63
CA MET B 44 3.54 7.02 -8.13
C MET B 44 3.22 6.88 -9.61
N MET B 45 4.01 7.56 -10.44
CA MET B 45 3.69 7.72 -11.85
C MET B 45 4.64 6.90 -12.71
N ALA B 46 4.17 6.53 -13.90
CA ALA B 46 4.89 5.67 -14.83
C ALA B 46 5.10 6.41 -16.14
N ALA B 47 6.31 6.35 -16.68
CA ALA B 47 6.63 6.98 -17.96
C ALA B 47 7.56 6.08 -18.76
N ALA B 48 7.39 6.09 -20.08
CA ALA B 48 8.23 5.35 -21.03
C ALA B 48 8.13 3.86 -20.66
N GLN B 49 9.23 3.12 -20.67
CA GLN B 49 9.20 1.70 -20.31
C GLN B 49 9.15 1.58 -18.79
N ALA B 50 7.99 1.93 -18.24
CA ALA B 50 7.84 1.94 -16.79
C ALA B 50 7.11 0.70 -16.28
N ALA B 51 7.38 0.37 -15.02
CA ALA B 51 6.71 -0.69 -14.27
C ALA B 51 6.89 -2.08 -14.91
N LEU B 52 7.83 -2.24 -15.84
CA LEU B 52 8.10 -3.56 -16.40
C LEU B 52 8.55 -4.55 -15.34
N GLN B 53 7.85 -5.69 -15.26
CA GLN B 53 8.37 -6.85 -14.54
C GLN B 53 8.53 -6.51 -13.05
N SER B 54 7.63 -5.67 -12.57
CA SER B 54 7.71 -5.06 -11.25
C SER B 54 6.47 -5.38 -10.43
N SER B 55 6.42 -4.80 -9.23
CA SER B 55 5.24 -4.89 -8.36
C SER B 55 5.29 -3.70 -7.40
N TRP B 56 4.60 -2.61 -7.75
CA TRP B 56 4.64 -1.40 -6.94
C TRP B 56 3.71 -1.51 -5.74
N GLY B 57 4.29 -1.36 -4.54
CA GLY B 57 3.54 -1.15 -3.32
C GLY B 57 4.07 0.00 -2.49
N MET B 58 3.31 1.07 -2.27
CA MET B 58 3.89 2.07 -1.37
C MET B 58 3.61 1.72 0.09
N MET B 59 2.36 1.41 0.44
CA MET B 59 2.00 0.88 1.75
C MET B 59 1.73 -0.62 1.64
N GLY B 60 1.79 -1.30 2.79
CA GLY B 60 2.08 -2.72 2.81
C GLY B 60 1.19 -3.63 2.01
N MET B 61 1.70 -4.07 0.86
CA MET B 61 0.92 -4.79 -0.13
C MET B 61 0.99 -6.29 0.10
N LEU B 62 0.40 -7.03 -0.84
CA LEU B 62 0.41 -8.49 -0.86
C LEU B 62 0.07 -8.91 -2.30
N ALA B 63 0.97 -9.65 -2.93
CA ALA B 63 0.73 -10.03 -4.32
C ALA B 63 1.56 -11.26 -4.67
N SER B 64 1.18 -11.90 -5.77
CA SER B 64 1.93 -13.01 -6.34
C SER B 64 1.75 -12.98 -7.86
N GLN B 65 2.84 -13.25 -8.57
CA GLN B 65 2.95 -12.83 -9.96
C GLN B 65 3.79 -13.84 -10.74
N GLN B 66 3.50 -13.95 -12.04
CA GLN B 66 4.18 -14.92 -12.91
C GLN B 66 3.97 -14.54 -14.37
N ASN B 67 5.03 -14.16 -15.07
CA ASN B 67 4.92 -13.67 -16.44
C ASN B 67 6.11 -14.07 -17.31
N GLN B 68 5.82 -14.34 -18.59
CA GLN B 68 6.86 -14.57 -19.61
C GLN B 68 6.31 -14.00 -20.92
N SER B 69 6.73 -12.77 -21.25
CA SER B 69 6.07 -12.07 -22.36
C SER B 69 6.95 -10.93 -22.86
N GLY B 70 7.29 -10.98 -24.14
CA GLY B 70 8.14 -9.98 -24.76
C GLY B 70 7.40 -8.90 -25.51
N PRO B 71 7.40 -7.68 -24.96
CA PRO B 71 6.73 -6.55 -25.61
C PRO B 71 7.60 -5.85 -26.63
N SER B 72 6.98 -4.90 -27.34
CA SER B 72 7.67 -4.11 -28.35
C SER B 72 6.97 -2.76 -28.49
N GLY B 73 7.68 -1.81 -29.09
CA GLY B 73 7.15 -0.48 -29.30
C GLY B 73 7.70 0.19 -30.54
N GLY C 3 -9.18 -22.42 -3.71
CA GLY C 3 -8.65 -23.22 -4.80
C GLY C 3 -7.74 -22.45 -5.72
N GLY C 4 -7.56 -22.96 -6.94
CA GLY C 4 -6.77 -22.30 -7.94
C GLY C 4 -7.27 -20.91 -8.26
N PHE C 5 -6.36 -19.95 -8.39
CA PHE C 5 -6.71 -18.54 -8.60
C PHE C 5 -7.65 -18.04 -7.49
N GLY C 6 -7.34 -18.45 -6.26
CA GLY C 6 -8.21 -18.16 -5.13
C GLY C 6 -7.87 -16.85 -4.46
N ASN C 7 -8.91 -16.07 -4.15
CA ASN C 7 -8.78 -14.81 -3.42
C ASN C 7 -9.83 -14.77 -2.33
N GLN C 8 -9.39 -14.76 -1.08
CA GLN C 8 -10.30 -14.80 0.08
C GLN C 8 -9.91 -13.66 1.03
N GLY C 9 -10.49 -12.49 0.82
CA GLY C 9 -10.24 -11.36 1.69
C GLY C 9 -11.18 -11.28 2.87
N GLY C 10 -10.64 -11.46 4.07
CA GLY C 10 -11.45 -11.44 5.27
C GLY C 10 -12.11 -10.11 5.56
N PHE C 11 -11.32 -9.03 5.56
CA PHE C 11 -11.79 -7.72 5.99
C PHE C 11 -12.50 -7.84 7.34
N GLY C 12 -11.85 -8.50 8.29
CA GLY C 12 -12.51 -8.80 9.56
C GLY C 12 -13.00 -7.56 10.27
N ASN C 13 -12.18 -6.51 10.31
CA ASN C 13 -12.54 -5.21 10.87
C ASN C 13 -12.97 -5.41 12.32
N SER C 14 -14.12 -4.90 12.75
CA SER C 14 -14.53 -4.95 14.16
C SER C 14 -15.41 -6.18 14.40
N ARG C 15 -14.75 -7.32 14.62
CA ARG C 15 -15.47 -8.52 15.01
C ARG C 15 -16.20 -8.32 16.34
N GLY C 16 -15.54 -7.68 17.30
CA GLY C 16 -16.16 -7.36 18.57
C GLY C 16 -17.03 -6.13 18.52
N GLY C 17 -16.43 -5.00 18.20
CA GLY C 17 -17.18 -3.75 18.11
C GLY C 17 -16.27 -2.60 17.72
N GLY C 18 -16.92 -1.47 17.43
CA GLY C 18 -16.19 -0.26 17.09
C GLY C 18 -16.90 1.00 17.57
N ALA C 19 -16.19 1.81 18.34
CA ALA C 19 -16.74 3.04 18.92
C ALA C 19 -15.81 4.21 18.65
N GLY C 20 -16.10 5.35 19.26
CA GLY C 20 -15.31 6.54 19.11
C GLY C 20 -15.99 7.60 18.26
N LEU C 21 -15.63 8.86 18.54
CA LEU C 21 -16.25 9.98 17.84
C LEU C 21 -15.95 9.92 16.34
N GLY C 22 -14.70 9.65 15.98
CA GLY C 22 -14.34 9.40 14.60
C GLY C 22 -13.71 8.04 14.44
N ASN C 23 -14.40 7.12 13.76
CA ASN C 23 -13.96 5.75 13.67
C ASN C 23 -14.30 5.24 12.27
N ASN C 24 -13.48 4.31 11.76
CA ASN C 24 -13.70 3.73 10.44
C ASN C 24 -12.80 2.53 10.20
N GLN C 25 -13.34 1.46 9.61
CA GLN C 25 -12.58 0.25 9.34
C GLN C 25 -12.59 -0.05 7.84
N GLY C 26 -11.65 -0.89 7.42
CA GLY C 26 -11.48 -1.19 6.01
C GLY C 26 -10.64 -0.14 5.32
N SER C 27 -10.49 -0.29 4.01
CA SER C 27 -9.88 0.76 3.22
C SER C 27 -10.74 2.01 3.27
N ASN C 28 -10.11 3.15 3.56
CA ASN C 28 -10.83 4.39 3.79
C ASN C 28 -10.19 5.49 2.95
N MET C 29 -11.03 6.24 2.23
CA MET C 29 -10.56 7.34 1.40
C MET C 29 -11.31 8.59 1.88
N GLY C 30 -11.53 8.66 3.17
CA GLY C 30 -12.27 9.75 3.77
C GLY C 30 -13.66 9.33 4.23
N GLY C 31 -14.29 10.21 5.01
CA GLY C 31 -15.61 9.96 5.53
C GLY C 31 -15.65 10.26 7.02
N GLY C 32 -16.70 9.77 7.67
CA GLY C 32 -16.88 9.98 9.10
C GLY C 32 -17.54 11.31 9.41
N MET C 33 -16.76 12.27 9.88
CA MET C 33 -17.27 13.60 10.22
C MET C 33 -16.34 14.65 9.60
N ASN C 34 -16.94 15.66 8.98
CA ASN C 34 -16.19 16.72 8.31
C ASN C 34 -16.85 18.05 8.61
N PHE C 35 -16.12 18.95 9.27
CA PHE C 35 -16.59 20.29 9.57
C PHE C 35 -15.94 21.36 8.69
N GLY C 36 -15.38 20.96 7.55
CA GLY C 36 -14.70 21.90 6.70
C GLY C 36 -14.55 21.35 5.30
N ALA C 37 -13.63 21.95 4.55
CA ALA C 37 -13.40 21.58 3.16
C ALA C 37 -12.87 20.16 3.04
N PHE C 38 -13.31 19.47 1.99
CA PHE C 38 -12.90 18.09 1.71
C PHE C 38 -12.62 18.00 0.20
N SER C 39 -11.37 18.24 -0.18
CA SER C 39 -10.97 18.28 -1.59
C SER C 39 -9.98 17.13 -1.83
N ILE C 40 -10.52 15.98 -2.19
CA ILE C 40 -9.74 14.74 -2.31
C ILE C 40 -10.00 14.18 -3.71
N ASN C 41 -9.01 14.24 -4.58
CA ASN C 41 -9.14 13.79 -5.97
C ASN C 41 -8.03 12.80 -6.33
N PRO C 42 -8.24 11.49 -6.13
CA PRO C 42 -7.24 10.52 -6.58
C PRO C 42 -7.46 10.07 -8.01
N ALA C 43 -6.39 9.92 -8.77
CA ALA C 43 -6.51 9.53 -10.17
C ALA C 43 -5.58 8.37 -10.47
N MET C 44 -6.00 7.53 -11.41
CA MET C 44 -5.21 6.42 -11.92
C MET C 44 -5.51 6.28 -13.40
N MET C 45 -4.73 6.97 -14.23
CA MET C 45 -5.05 7.12 -15.64
C MET C 45 -4.11 6.31 -16.51
N ALA C 46 -4.58 5.95 -17.69
CA ALA C 46 -3.86 5.09 -18.62
C ALA C 46 -3.66 5.84 -19.94
N ALA C 47 -2.43 5.78 -20.48
CA ALA C 47 -2.12 6.41 -21.75
C ALA C 47 -1.18 5.52 -22.56
N ALA C 48 -1.37 5.55 -23.88
CA ALA C 48 -0.52 4.80 -24.82
C ALA C 48 -0.62 3.32 -24.47
N GLN C 49 0.48 2.57 -24.48
CA GLN C 49 0.46 1.15 -24.13
C GLN C 49 0.40 1.03 -22.60
N ALA C 50 -0.75 1.38 -22.04
CA ALA C 50 -0.90 1.37 -20.60
C ALA C 50 -1.63 0.14 -20.09
N ALA C 51 -1.36 -0.20 -18.83
CA ALA C 51 -2.02 -1.26 -18.09
C ALA C 51 -1.83 -2.65 -18.72
N LEU C 52 -0.90 -2.80 -19.66
CA LEU C 52 -0.62 -4.11 -20.23
C LEU C 52 -0.18 -5.12 -19.18
N GLN C 53 -0.87 -6.26 -19.10
CA GLN C 53 -0.35 -7.42 -18.38
C GLN C 53 -0.19 -7.08 -16.89
N SER C 54 -1.09 -6.24 -16.40
CA SER C 54 -0.99 -5.65 -15.08
C SER C 54 -2.24 -5.96 -14.27
N SER C 55 -2.29 -5.39 -13.06
CA SER C 55 -3.48 -5.48 -12.19
C SER C 55 -3.42 -4.29 -11.22
N TRP C 56 -4.12 -3.21 -11.58
CA TRP C 56 -4.07 -2.00 -10.75
C TRP C 56 -5.00 -2.11 -9.56
N GLY C 57 -4.42 -1.97 -8.35
CA GLY C 57 -5.17 -1.77 -7.14
C GLY C 57 -4.65 -0.63 -6.31
N MET C 58 -5.41 0.44 -6.07
CA MET C 58 -4.83 1.44 -5.17
C MET C 58 -5.11 1.09 -3.71
N MET C 59 -6.35 0.78 -3.36
CA MET C 59 -6.70 0.24 -2.05
C MET C 59 -6.98 -1.26 -2.16
N GLY C 60 -6.91 -1.94 -1.02
CA GLY C 60 -6.62 -3.36 -1.00
C GLY C 60 -7.52 -4.27 -1.81
N MET C 61 -7.00 -4.71 -2.96
CA MET C 61 -7.78 -5.42 -3.95
C MET C 61 -7.70 -6.93 -3.73
N LEU C 62 -8.29 -7.67 -4.67
CA LEU C 62 -8.29 -9.13 -4.71
C LEU C 62 -8.62 -9.53 -6.13
N ALA C 63 -7.73 -10.28 -6.78
CA ALA C 63 -7.96 -10.66 -8.16
C ALA C 63 -7.13 -11.88 -8.52
N SER C 64 -7.50 -12.51 -9.62
CA SER C 64 -6.76 -13.62 -10.20
C SER C 64 -6.94 -13.59 -11.71
N GLN C 65 -5.85 -13.86 -12.43
CA GLN C 65 -5.75 -13.42 -13.81
C GLN C 65 -4.90 -14.43 -14.60
N GLN C 66 -5.20 -14.55 -15.90
CA GLN C 66 -4.51 -15.50 -16.77
C GLN C 66 -4.73 -15.12 -18.23
N ASN C 67 -3.66 -14.74 -18.93
CA ASN C 67 -3.78 -14.24 -20.30
C ASN C 67 -2.60 -14.63 -21.17
N GLN C 68 -2.89 -14.91 -22.45
CA GLN C 68 -1.85 -15.13 -23.47
C GLN C 68 -2.40 -14.55 -24.78
N SER C 69 -1.99 -13.32 -25.11
CA SER C 69 -2.64 -12.61 -26.21
C SER C 69 -1.77 -11.47 -26.70
N GLY C 70 -1.43 -11.51 -28.00
CA GLY C 70 -0.58 -10.52 -28.62
C GLY C 70 -1.33 -9.42 -29.35
N PRO C 71 -1.32 -8.21 -28.80
CA PRO C 71 -2.00 -7.09 -29.44
C PRO C 71 -1.14 -6.38 -30.47
N SER C 72 -1.76 -5.43 -31.17
CA SER C 72 -1.08 -4.63 -32.18
C SER C 72 -1.76 -3.28 -32.31
N GLY C 73 -1.07 -2.34 -32.91
CA GLY C 73 -1.60 -1.00 -33.12
C GLY C 73 -1.05 -0.32 -34.36
N GLY D 3 3.79 -21.27 2.11
CA GLY D 3 4.32 -22.09 1.03
C GLY D 3 5.23 -21.31 0.10
N GLY D 4 5.40 -21.85 -1.11
CA GLY D 4 6.21 -21.18 -2.12
C GLY D 4 5.71 -19.80 -2.45
N PHE D 5 6.62 -18.83 -2.58
CA PHE D 5 6.27 -17.43 -2.80
C PHE D 5 5.34 -16.92 -1.69
N GLY D 6 5.64 -17.32 -0.46
CA GLY D 6 4.78 -17.03 0.68
C GLY D 6 5.11 -15.71 1.34
N ASN D 7 4.07 -14.93 1.63
CA ASN D 7 4.21 -13.66 2.36
C ASN D 7 3.15 -13.63 3.45
N GLN D 8 3.59 -13.60 4.71
CA GLN D 8 2.69 -13.63 5.86
C GLN D 8 3.07 -12.50 6.81
N GLY D 9 2.49 -11.32 6.58
CA GLY D 9 2.74 -10.19 7.44
C GLY D 9 1.80 -10.11 8.63
N GLY D 10 2.33 -10.27 9.84
CA GLY D 10 1.53 -10.25 11.03
C GLY D 10 0.87 -8.92 11.31
N PHE D 11 1.66 -7.84 11.31
CA PHE D 11 1.19 -6.52 11.74
C PHE D 11 0.48 -6.64 13.08
N GLY D 12 1.13 -7.29 14.04
CA GLY D 12 0.47 -7.58 15.31
C GLY D 12 -0.02 -6.34 16.02
N ASN D 13 0.81 -5.30 16.05
CA ASN D 13 0.45 -3.99 16.60
C ASN D 13 0.02 -4.19 18.05
N SER D 14 -1.14 -3.67 18.47
CA SER D 14 -1.55 -3.71 19.88
C SER D 14 -2.42 -4.94 20.14
N ARG D 15 -1.76 -6.08 20.36
CA ARG D 15 -2.50 -7.28 20.76
C ARG D 15 -3.22 -7.06 22.08
N GLY D 16 -2.56 -6.42 23.04
CA GLY D 16 -3.19 -6.11 24.31
C GLY D 16 -4.05 -4.86 24.25
N GLY D 17 -3.45 -3.73 23.92
CA GLY D 17 -4.19 -2.49 23.83
C GLY D 17 -3.29 -1.35 23.44
N GLY D 18 -3.93 -0.22 23.14
CA GLY D 18 -3.20 0.99 22.79
C GLY D 18 -3.90 2.25 23.27
N ALA D 19 -3.20 3.08 24.04
CA ALA D 19 -3.75 4.30 24.60
C ALA D 19 -2.81 5.47 24.32
N GLY D 20 -3.12 6.61 24.94
CA GLY D 20 -2.31 7.80 24.79
C GLY D 20 -2.98 8.86 23.93
N LEU D 21 -2.62 10.13 24.20
CA LEU D 21 -3.24 11.24 23.49
C LEU D 21 -2.94 11.17 21.99
N GLY D 22 -1.69 10.90 21.63
CA GLY D 22 -1.33 10.64 20.26
C GLY D 22 -0.71 9.28 20.11
N ASN D 23 -1.39 8.36 19.43
CA ASN D 23 -0.96 6.98 19.34
C ASN D 23 -1.30 6.47 17.94
N ASN D 24 -0.48 5.54 17.45
CA ASN D 24 -0.70 4.94 16.13
C ASN D 24 0.21 3.74 15.90
N GLN D 25 -0.33 2.67 15.30
CA GLN D 25 0.41 1.45 15.03
C GLN D 25 0.40 1.15 13.54
N GLY D 26 1.34 0.31 13.13
CA GLY D 26 1.52 0.01 11.73
C GLY D 26 2.36 1.06 11.04
N SER D 27 2.51 0.88 9.72
CA SER D 27 3.13 1.93 8.92
C SER D 27 2.26 3.18 8.98
N ASN D 28 2.89 4.32 9.25
CA ASN D 28 2.17 5.57 9.47
C ASN D 28 2.81 6.66 8.62
N MET D 29 1.98 7.41 7.90
CA MET D 29 2.45 8.50 7.08
C MET D 29 1.71 9.76 7.54
N GLY D 30 1.49 9.84 8.84
CA GLY D 30 0.75 10.93 9.43
C GLY D 30 -0.64 10.52 9.89
N GLY D 31 -1.27 11.40 10.66
CA GLY D 31 -2.59 11.16 11.18
C GLY D 31 -2.64 11.46 12.67
N GLY D 32 -3.68 10.98 13.31
CA GLY D 32 -3.86 11.19 14.76
C GLY D 32 -4.54 12.53 15.05
N MET D 33 -3.74 13.49 15.52
CA MET D 33 -4.24 14.82 15.84
C MET D 33 -3.33 15.86 15.23
N ASN D 34 -3.91 16.87 14.59
CA ASN D 34 -3.16 17.93 13.93
C ASN D 34 -3.82 19.27 14.21
N PHE D 35 -3.08 20.17 14.87
CA PHE D 35 -3.55 21.51 15.17
C PHE D 35 -2.91 22.57 14.28
N GLY D 36 -2.34 22.16 13.15
CA GLY D 36 -1.66 23.09 12.29
C GLY D 36 -1.52 22.54 10.89
N ALA D 37 -0.59 23.14 10.14
CA ALA D 37 -0.37 22.77 8.75
C ALA D 37 0.16 21.34 8.65
N PHE D 38 -0.27 20.64 7.59
CA PHE D 38 0.13 19.26 7.32
C PHE D 38 0.41 19.17 5.82
N SER D 39 1.66 19.40 5.43
CA SER D 39 2.07 19.43 4.03
C SER D 39 3.05 18.28 3.79
N ILE D 40 2.52 17.13 3.44
CA ILE D 40 3.30 15.89 3.32
C ILE D 40 3.03 15.31 1.92
N ASN D 41 4.03 15.38 1.06
CA ASN D 41 3.89 14.91 -0.33
C ASN D 41 5.00 13.92 -0.68
N PRO D 42 4.79 12.63 -0.48
CA PRO D 42 5.79 11.64 -0.91
C PRO D 42 5.56 11.19 -2.35
N ALA D 43 6.64 11.03 -3.11
CA ALA D 43 6.52 10.64 -4.51
C ALA D 43 7.45 9.46 -4.80
N MET D 44 7.02 8.63 -5.74
CA MET D 44 7.82 7.52 -6.24
C MET D 44 7.52 7.37 -7.72
N MET D 45 8.29 8.04 -8.56
CA MET D 45 7.98 8.20 -9.96
C MET D 45 8.92 7.38 -10.82
N ALA D 46 8.45 7.01 -12.01
CA ALA D 46 9.17 6.15 -12.94
C ALA D 46 9.37 6.88 -14.25
N ALA D 47 10.60 6.82 -14.79
CA ALA D 47 10.91 7.45 -16.07
C ALA D 47 11.85 6.56 -16.87
N ALA D 48 11.67 6.57 -18.18
CA ALA D 48 12.51 5.82 -19.14
C ALA D 48 12.40 4.34 -18.76
N GLN D 49 13.52 3.59 -18.78
CA GLN D 49 13.48 2.17 -18.42
C GLN D 49 13.43 2.06 -16.89
N ALA D 50 12.28 2.41 -16.34
CA ALA D 50 12.12 2.42 -14.89
C ALA D 50 11.40 1.18 -14.38
N ALA D 51 11.67 0.85 -13.11
CA ALA D 51 10.99 -0.21 -12.37
C ALA D 51 11.18 -1.60 -13.00
N LEU D 52 12.12 -1.75 -13.93
CA LEU D 52 12.40 -3.07 -14.49
C LEU D 52 12.84 -4.07 -13.44
N GLN D 53 12.14 -5.21 -13.35
CA GLN D 53 12.66 -6.37 -12.63
C GLN D 53 12.81 -6.02 -11.14
N SER D 54 11.91 -5.18 -10.65
CA SER D 54 12.01 -4.58 -9.33
C SER D 54 10.76 -4.89 -8.52
N SER D 55 10.71 -4.31 -7.31
CA SER D 55 9.52 -4.39 -6.45
C SER D 55 9.58 -3.20 -5.48
N TRP D 56 8.89 -2.12 -5.85
CA TRP D 56 8.94 -0.91 -5.02
C TRP D 56 8.01 -1.01 -3.82
N GLY D 57 8.58 -0.87 -2.64
CA GLY D 57 7.83 -0.66 -1.41
C GLY D 57 8.36 0.50 -0.59
N MET D 58 7.61 1.57 -0.36
CA MET D 58 8.18 2.57 0.53
C MET D 58 7.89 2.23 2.00
N MET D 59 6.65 1.92 2.35
CA MET D 59 6.30 1.38 3.65
C MET D 59 6.02 -0.11 3.54
N GLY D 60 6.09 -0.80 4.69
CA GLY D 60 6.38 -2.21 4.73
C GLY D 60 5.49 -3.13 3.92
N MET D 61 5.99 -3.57 2.77
CA MET D 61 5.21 -4.29 1.78
C MET D 61 5.29 -5.80 2.01
N LEU D 62 4.70 -6.54 1.08
CA LEU D 62 4.70 -8.00 1.05
C LEU D 62 4.38 -8.41 -0.37
N ALA D 63 5.27 -9.15 -1.02
CA ALA D 63 5.03 -9.54 -2.40
C ALA D 63 5.86 -10.77 -2.74
N SER D 64 5.49 -11.40 -3.86
CA SER D 64 6.23 -12.52 -4.42
C SER D 64 6.05 -12.49 -5.93
N GLN D 65 7.15 -12.76 -6.65
CA GLN D 65 7.25 -12.34 -8.03
C GLN D 65 8.09 -13.35 -8.82
N GLN D 66 7.80 -13.47 -10.11
CA GLN D 66 8.48 -14.44 -10.98
C GLN D 66 8.26 -14.06 -12.44
N ASN D 67 9.33 -13.68 -13.14
CA ASN D 67 9.22 -13.19 -14.51
C ASN D 67 10.40 -13.59 -15.39
N GLN D 68 10.11 -13.88 -16.66
CA GLN D 68 11.15 -14.09 -17.68
C GLN D 68 10.60 -13.52 -18.99
N SER D 69 11.02 -12.30 -19.33
CA SER D 69 10.37 -11.61 -20.43
C SER D 69 11.24 -10.46 -20.93
N GLY D 70 11.58 -10.51 -22.23
CA GLY D 70 12.43 -9.52 -22.85
C GLY D 70 11.68 -8.42 -23.59
N PRO D 71 11.70 -7.21 -23.04
CA PRO D 71 11.02 -6.09 -23.69
C PRO D 71 11.89 -5.39 -24.72
N SER D 72 11.26 -4.45 -25.43
CA SER D 72 11.96 -3.65 -26.44
C SER D 72 11.26 -2.30 -26.57
N GLY D 73 11.96 -1.35 -27.18
CA GLY D 73 11.43 -0.03 -27.40
C GLY D 73 11.98 0.65 -28.64
N GLY E 3 8.28 -20.79 3.40
CA GLY E 3 8.81 -21.60 2.32
C GLY E 3 9.72 -20.83 1.39
N GLY E 4 9.90 -21.35 0.18
CA GLY E 4 10.71 -20.69 -0.83
C GLY E 4 10.20 -19.30 -1.15
N PHE E 5 11.12 -18.34 -1.28
CA PHE E 5 10.77 -16.94 -1.49
C PHE E 5 9.83 -16.43 -0.38
N GLY E 6 10.14 -16.83 0.84
CA GLY E 6 9.27 -16.54 1.97
C GLY E 6 9.62 -15.22 2.64
N ASN E 7 8.57 -14.44 2.94
CA ASN E 7 8.71 -13.18 3.66
C ASN E 7 7.65 -13.13 4.76
N GLN E 8 8.10 -13.11 6.01
CA GLN E 8 7.19 -13.15 7.17
C GLN E 8 7.57 -12.02 8.11
N GLY E 9 6.99 -10.84 7.90
CA GLY E 9 7.25 -9.70 8.76
C GLY E 9 6.31 -9.62 9.94
N GLY E 10 6.84 -9.79 11.15
CA GLY E 10 6.04 -9.77 12.34
C GLY E 10 5.38 -8.43 12.63
N PHE E 11 6.17 -7.36 12.62
CA PHE E 11 5.70 -6.05 13.06
C PHE E 11 4.99 -6.16 14.39
N GLY E 12 5.64 -6.82 15.36
CA GLY E 12 4.98 -7.11 16.62
C GLY E 12 4.49 -5.87 17.34
N ASN E 13 5.33 -4.83 17.37
CA ASN E 13 4.96 -3.51 17.93
C ASN E 13 4.53 -3.72 19.38
N SER E 14 3.38 -3.20 19.80
CA SER E 14 2.97 -3.25 21.21
C SER E 14 2.09 -4.47 21.45
N ARG E 15 2.75 -5.61 21.68
CA ARG E 15 2.01 -6.81 22.07
C ARG E 15 1.29 -6.59 23.40
N GLY E 16 1.95 -5.95 24.37
CA GLY E 16 1.32 -5.64 25.63
C GLY E 16 0.46 -4.40 25.58
N GLY E 17 1.07 -3.27 25.25
CA GLY E 17 0.32 -2.02 25.17
C GLY E 17 1.23 -0.88 24.76
N GLY E 18 0.60 0.25 24.47
CA GLY E 18 1.31 1.47 24.12
C GLY E 18 0.62 2.72 24.60
N ALA E 19 1.32 3.54 25.37
CA ALA E 19 0.77 4.76 25.94
C ALA E 19 1.72 5.94 25.66
N GLY E 20 1.42 7.08 26.27
CA GLY E 20 2.22 8.27 26.12
C GLY E 20 1.54 9.33 25.27
N LEU E 21 1.91 10.59 25.54
CA LEU E 21 1.29 11.71 24.84
C LEU E 21 1.59 11.64 23.34
N GLY E 22 2.84 11.36 22.98
CA GLY E 22 3.20 11.11 21.60
C GLY E 22 3.83 9.74 21.44
N ASN E 23 3.14 8.83 20.78
CA ASN E 23 3.57 7.45 20.68
C ASN E 23 3.22 6.94 19.28
N ASN E 24 4.04 6.01 18.78
CA ASN E 24 3.82 5.41 17.46
C ASN E 24 4.73 4.23 17.23
N GLN E 25 4.19 3.15 16.64
CA GLN E 25 4.94 1.93 16.37
C GLN E 25 4.93 1.63 14.87
N GLY E 26 5.87 0.79 14.46
CA GLY E 26 6.04 0.48 13.05
C GLY E 26 6.88 1.53 12.36
N SER E 27 7.04 1.36 11.05
CA SER E 27 7.64 2.41 10.25
C SER E 27 6.79 3.66 10.31
N ASN E 28 7.42 4.80 10.58
CA ASN E 28 6.70 6.05 10.80
C ASN E 28 7.34 7.15 9.96
N MET E 29 6.51 7.90 9.24
CA MET E 29 6.98 8.99 8.41
C MET E 29 6.24 10.25 8.88
N GLY E 30 6.01 10.32 10.19
CA GLY E 30 5.28 11.42 10.77
C GLY E 30 3.89 11.00 11.23
N GLY E 31 3.27 11.89 12.01
CA GLY E 31 1.94 11.64 12.54
C GLY E 31 1.89 11.95 14.02
N GLY E 32 0.85 11.46 14.66
CA GLY E 32 0.67 11.67 16.09
C GLY E 32 0.00 13.02 16.40
N MET E 33 0.80 13.98 16.87
CA MET E 33 0.29 15.30 17.20
C MET E 33 1.21 16.34 16.58
N ASN E 34 0.62 17.35 15.94
CA ASN E 34 1.39 18.41 15.28
C ASN E 34 0.72 19.74 15.57
N PHE E 35 1.46 20.65 16.23
CA PHE E 35 0.99 21.99 16.54
C PHE E 35 1.63 23.05 15.64
N GLY E 36 2.20 22.64 14.52
CA GLY E 36 2.88 23.57 13.65
C GLY E 36 3.03 23.03 12.25
N ALA E 37 3.96 23.63 11.51
CA ALA E 37 4.18 23.25 10.12
C ALA E 37 4.71 21.83 10.00
N PHE E 38 4.27 21.13 8.95
CA PHE E 38 4.67 19.74 8.67
C PHE E 38 4.96 19.66 7.17
N SER E 39 6.21 19.89 6.80
CA SER E 39 6.61 19.92 5.38
C SER E 39 7.59 18.78 5.15
N ILE E 40 7.05 17.61 4.79
CA ILE E 40 7.83 16.38 4.67
C ILE E 40 7.57 15.81 3.28
N ASN E 41 8.57 15.86 2.40
CA ASN E 41 8.43 15.40 1.02
C ASN E 41 9.54 14.42 0.68
N PRO E 42 9.33 13.12 0.86
CA PRO E 42 10.32 12.13 0.42
C PRO E 42 10.10 11.68 -1.00
N ALA E 43 11.18 11.52 -1.77
CA ALA E 43 11.05 11.13 -3.16
C ALA E 43 11.98 9.96 -3.45
N MET E 44 11.55 9.12 -4.39
CA MET E 44 12.35 8.01 -4.89
C MET E 44 12.04 7.87 -6.38
N MET E 45 12.82 8.55 -7.21
CA MET E 45 12.50 8.70 -8.62
C MET E 45 13.45 7.88 -9.48
N ALA E 46 12.97 7.51 -10.67
CA ALA E 46 13.70 6.65 -11.59
C ALA E 46 13.90 7.39 -12.91
N ALA E 47 15.11 7.33 -13.45
CA ALA E 47 15.44 7.96 -14.73
C ALA E 47 16.37 7.06 -15.53
N ALA E 48 16.20 7.08 -16.85
CA ALA E 48 17.03 6.33 -17.80
C ALA E 48 16.94 4.85 -17.43
N GLN E 49 18.04 4.10 -17.44
CA GLN E 49 18.00 2.68 -17.08
C GLN E 49 17.95 2.57 -15.56
N ALA E 50 16.80 2.92 -15.00
CA ALA E 50 16.64 2.92 -13.56
C ALA E 50 15.91 1.69 -13.05
N ALA E 51 16.18 1.36 -11.79
CA ALA E 51 15.52 0.29 -11.04
C ALA E 51 15.69 -1.09 -11.67
N LEU E 52 16.64 -1.25 -12.61
CA LEU E 52 16.91 -2.57 -13.17
C LEU E 52 17.35 -3.56 -12.11
N GLN E 53 16.66 -4.71 -12.03
CA GLN E 53 17.17 -5.87 -11.31
C GLN E 53 17.33 -5.53 -9.82
N SER E 54 16.43 -4.68 -9.33
CA SER E 54 16.53 -4.07 -8.01
C SER E 54 15.28 -4.39 -7.20
N SER E 55 15.23 -3.82 -6.00
CA SER E 55 14.04 -3.89 -5.14
C SER E 55 14.10 -2.70 -4.16
N TRP E 56 13.40 -1.62 -4.52
CA TRP E 56 13.46 -0.41 -3.71
C TRP E 56 12.52 -0.51 -2.50
N GLY E 57 13.10 -0.38 -1.31
CA GLY E 57 12.35 -0.17 -0.09
C GLY E 57 12.88 0.98 0.74
N MET E 58 12.13 2.06 0.96
CA MET E 58 12.70 3.05 1.86
C MET E 58 12.41 2.71 3.33
N MET E 59 11.17 2.40 3.68
CA MET E 59 10.83 1.87 4.99
C MET E 59 10.55 0.37 4.88
N GLY E 60 10.61 -0.31 6.03
CA GLY E 60 10.89 -1.73 6.06
C GLY E 60 10.00 -2.64 5.24
N MET E 61 10.51 -3.09 4.09
CA MET E 61 9.73 -3.80 3.10
C MET E 61 9.80 -5.31 3.33
N LEU E 62 9.21 -6.05 2.40
CA LEU E 62 9.21 -7.51 2.37
C LEU E 62 8.88 -7.92 0.94
N ALA E 63 9.78 -8.67 0.30
CA ALA E 63 9.54 -9.04 -1.08
C ALA E 63 10.37 -10.27 -1.43
N SER E 64 10.00 -10.90 -2.54
CA SER E 64 10.73 -12.02 -3.10
C SER E 64 10.56 -11.99 -4.62
N GLN E 65 11.64 -12.26 -5.33
CA GLN E 65 11.75 -11.84 -6.72
C GLN E 65 12.59 -12.85 -7.51
N GLN E 66 12.30 -12.97 -8.81
CA GLN E 66 12.98 -13.93 -9.67
C GLN E 66 12.76 -13.55 -11.14
N ASN E 67 13.83 -13.17 -11.84
CA ASN E 67 13.72 -12.68 -13.21
C ASN E 67 14.90 -13.08 -14.08
N GLN E 68 14.62 -13.36 -15.36
CA GLN E 68 15.64 -13.59 -16.37
C GLN E 68 15.10 -13.01 -17.69
N SER E 69 15.52 -11.79 -18.02
CA SER E 69 14.87 -11.08 -19.12
C SER E 69 15.74 -9.94 -19.62
N GLY E 70 16.08 -9.99 -20.91
CA GLY E 70 16.94 -9.01 -21.53
C GLY E 70 16.19 -7.91 -22.27
N PRO E 71 16.20 -6.69 -21.72
CA PRO E 71 15.52 -5.57 -22.37
C PRO E 71 16.40 -4.87 -23.41
N SER E 72 15.78 -3.92 -24.11
CA SER E 72 16.47 -3.13 -25.11
C SER E 72 15.77 -1.78 -25.24
N GLY E 73 16.48 -0.83 -25.85
CA GLY E 73 15.94 0.50 -26.08
C GLY E 73 16.50 1.18 -27.31
#